data_1WZZ
#
_entry.id   1WZZ
#
_cell.length_a   88.878
_cell.length_b   88.878
_cell.length_c   93.980
_cell.angle_alpha   90.00
_cell.angle_beta   90.00
_cell.angle_gamma   120.00
#
_symmetry.space_group_name_H-M   'P 61'
#
loop_
_entity.id
_entity.type
_entity.pdbx_description
1 polymer 'Probable endoglucanase'
2 non-polymer 'SULFATE ION'
3 water water
#
_entity_poly.entity_id   1
_entity_poly.type   'polypeptide(L)'
_entity_poly.pdbx_seq_one_letter_code
;MRGSHHHHHHGSDPAPDAVAQQWAIFRAKYLRPSGRVVDTGNGGESHSEGQGYG(MSE)LFAASAGDLASFQS(MSE)W
(MSE)WARTNLQHTNDKLFSWRFLKGHQPPVPDKNNATDGDLLIALALGRAGKRFQRPDYIQDA(MSE)AIYGDVLNL
(MSE)T(MSE)KAGPYVVL(MSE)PGAVGFTKKDSVILNLSYYV(MSE)PSLLQAFDLTADPRWRQV(MSE)EDGIRLVS
AGRFGQWRLPPDWLAVNRATGALSIASGWPPRFSYDAIRVPLYFYWAH(MSE)LAPNVLADFTRFWNNFGANALPGWVDL
TTGARSPYNAPPGYLAVAECTGLDSAGELPTLDHAPDYYSAALTLLVYIARAEETIK
;
_entity_poly.pdbx_strand_id   A
#
# COMPACT_ATOMS: atom_id res chain seq x y z
N ALA A 15 -2.76 -3.82 -22.69
CA ALA A 15 -4.20 -4.13 -22.90
C ALA A 15 -5.06 -3.13 -22.14
N PRO A 16 -5.71 -2.23 -22.87
CA PRO A 16 -6.58 -1.21 -22.27
C PRO A 16 -7.64 -1.74 -21.29
N ASP A 17 -8.13 -2.96 -21.55
CA ASP A 17 -9.16 -3.57 -20.71
C ASP A 17 -8.58 -4.59 -19.72
N ALA A 18 -7.25 -4.61 -19.59
CA ALA A 18 -6.63 -5.55 -18.68
C ALA A 18 -7.07 -5.34 -17.24
N VAL A 19 -7.16 -4.09 -16.81
CA VAL A 19 -7.60 -3.87 -15.44
C VAL A 19 -9.02 -4.41 -15.22
N ALA A 20 -9.93 -4.13 -16.15
CA ALA A 20 -11.28 -4.62 -15.97
C ALA A 20 -11.32 -6.14 -15.91
N GLN A 21 -10.51 -6.80 -16.72
CA GLN A 21 -10.52 -8.26 -16.72
C GLN A 21 -10.00 -8.86 -15.43
N GLN A 22 -8.93 -8.26 -14.90
CA GLN A 22 -8.39 -8.77 -13.64
C GLN A 22 -9.32 -8.43 -12.48
N TRP A 23 -9.93 -7.25 -12.51
CA TRP A 23 -10.89 -6.89 -11.46
C TRP A 23 -12.05 -7.92 -11.46
N ALA A 24 -12.50 -8.33 -12.63
CA ALA A 24 -13.58 -9.31 -12.67
C ALA A 24 -13.24 -10.57 -11.88
N ILE A 25 -11.99 -10.99 -11.96
CA ILE A 25 -11.57 -12.17 -11.23
C ILE A 25 -11.51 -11.87 -9.72
N PHE A 26 -10.92 -10.74 -9.36
CA PHE A 26 -10.81 -10.36 -7.97
C PHE A 26 -12.20 -10.27 -7.31
N ARG A 27 -13.12 -9.61 -8.01
CA ARG A 27 -14.49 -9.43 -7.54
C ARG A 27 -15.19 -10.78 -7.32
N ALA A 28 -15.01 -11.68 -8.26
CA ALA A 28 -15.63 -12.99 -8.16
C ALA A 28 -15.16 -13.74 -6.94
N LYS A 29 -13.85 -13.64 -6.66
CA LYS A 29 -13.26 -14.35 -5.56
C LYS A 29 -13.42 -13.73 -4.19
N TYR A 30 -13.31 -12.41 -4.13
CA TYR A 30 -13.27 -11.76 -2.82
C TYR A 30 -14.32 -10.75 -2.39
N LEU A 31 -15.21 -10.35 -3.28
CA LEU A 31 -16.22 -9.37 -2.92
C LEU A 31 -17.56 -10.00 -2.55
N ARG A 32 -17.98 -9.80 -1.30
CA ARG A 32 -19.28 -10.33 -0.83
C ARG A 32 -20.37 -9.34 -1.24
N PRO A 33 -21.63 -9.82 -1.38
CA PRO A 33 -22.72 -8.93 -1.76
C PRO A 33 -22.91 -7.77 -0.78
N SER A 34 -22.50 -7.98 0.47
CA SER A 34 -22.59 -6.95 1.50
C SER A 34 -21.70 -5.76 1.21
N GLY A 35 -20.69 -5.95 0.36
CA GLY A 35 -19.76 -4.88 0.07
C GLY A 35 -18.43 -5.12 0.77
N ARG A 36 -18.37 -6.17 1.59
CA ARG A 36 -17.16 -6.50 2.32
C ARG A 36 -16.19 -7.32 1.46
N VAL A 37 -14.91 -6.91 1.47
CA VAL A 37 -13.86 -7.64 0.75
C VAL A 37 -13.28 -8.65 1.75
N VAL A 38 -13.28 -9.94 1.38
CA VAL A 38 -12.76 -10.95 2.28
C VAL A 38 -11.28 -11.10 1.97
N ASP A 39 -10.43 -10.48 2.80
CA ASP A 39 -8.99 -10.50 2.54
C ASP A 39 -8.18 -11.49 3.36
N THR A 40 -8.87 -12.52 3.86
CA THR A 40 -8.27 -13.59 4.66
C THR A 40 -8.78 -14.93 4.11
N GLY A 41 -8.10 -16.02 4.46
CA GLY A 41 -8.48 -17.33 3.99
C GLY A 41 -9.90 -17.82 4.30
N ASN A 42 -10.26 -17.81 5.59
CA ASN A 42 -11.57 -18.29 6.03
C ASN A 42 -12.77 -17.36 5.79
N GLY A 43 -12.50 -16.07 5.59
CA GLY A 43 -13.58 -15.15 5.32
C GLY A 43 -14.26 -14.50 6.52
N GLY A 44 -13.65 -14.58 7.68
CA GLY A 44 -14.26 -13.98 8.85
C GLY A 44 -13.67 -12.62 9.17
N GLU A 45 -12.79 -12.12 8.30
CA GLU A 45 -12.14 -10.83 8.52
C GLU A 45 -12.19 -9.91 7.30
N SER A 46 -12.10 -8.61 7.56
CA SER A 46 -12.05 -7.62 6.50
C SER A 46 -11.20 -6.50 7.09
N HIS A 47 -10.56 -5.71 6.25
CA HIS A 47 -9.72 -4.65 6.80
C HIS A 47 -9.85 -3.38 6.01
N SER A 48 -9.37 -2.27 6.57
CA SER A 48 -9.46 -1.03 5.81
C SER A 48 -8.64 -1.14 4.52
N GLU A 49 -7.50 -1.83 4.57
CA GLU A 49 -6.69 -1.99 3.35
C GLU A 49 -7.45 -2.75 2.26
N GLY A 50 -8.15 -3.81 2.66
CA GLY A 50 -8.90 -4.61 1.70
C GLY A 50 -9.99 -3.80 1.04
N GLN A 51 -10.74 -3.02 1.82
CA GLN A 51 -11.77 -2.18 1.22
C GLN A 51 -11.13 -1.17 0.28
N GLY A 52 -10.00 -0.60 0.71
CA GLY A 52 -9.30 0.39 -0.11
C GLY A 52 -8.80 -0.17 -1.43
N TYR A 53 -8.20 -1.35 -1.38
CA TYR A 53 -7.74 -1.96 -2.61
C TYR A 53 -8.94 -2.27 -3.51
N GLY A 54 -9.95 -2.89 -2.95
CA GLY A 54 -11.11 -3.24 -3.75
C GLY A 54 -11.74 -2.01 -4.39
N LEU A 56 -10.30 0.80 -5.04
CA LEU A 56 -9.42 1.35 -6.06
C LEU A 56 -9.55 0.55 -7.35
N PHE A 57 -9.62 -0.76 -7.22
CA PHE A 57 -9.72 -1.63 -8.38
C PHE A 57 -11.06 -1.41 -9.09
N ALA A 58 -12.16 -1.34 -8.34
CA ALA A 58 -13.47 -1.09 -8.97
C ALA A 58 -13.51 0.25 -9.68
N ALA A 59 -12.97 1.30 -9.05
CA ALA A 59 -12.95 2.61 -9.69
C ALA A 59 -12.13 2.53 -10.97
N SER A 60 -10.98 1.89 -10.88
CA SER A 60 -10.09 1.78 -12.05
C SER A 60 -10.72 0.97 -13.20
N ALA A 61 -11.55 -0.01 -12.87
CA ALA A 61 -12.23 -0.84 -13.85
C ALA A 61 -13.54 -0.24 -14.33
N GLY A 62 -13.95 0.87 -13.73
CA GLY A 62 -15.22 1.49 -14.12
C GLY A 62 -16.45 0.78 -13.60
N ASP A 63 -16.30 0.01 -12.52
CA ASP A 63 -17.41 -0.72 -11.93
C ASP A 63 -18.02 0.10 -10.82
N LEU A 64 -18.96 0.97 -11.16
CA LEU A 64 -19.60 1.82 -10.16
C LEU A 64 -20.45 1.06 -9.14
N ALA A 65 -21.21 0.06 -9.58
CA ALA A 65 -22.04 -0.69 -8.65
C ALA A 65 -21.22 -1.33 -7.52
N SER A 66 -20.10 -1.97 -7.86
CA SER A 66 -19.29 -2.60 -6.82
C SER A 66 -18.62 -1.53 -5.94
N PHE A 67 -18.18 -0.45 -6.56
CA PHE A 67 -17.54 0.64 -5.81
C PHE A 67 -18.51 1.16 -4.73
N GLN A 68 -19.74 1.42 -5.15
CA GLN A 68 -20.77 1.92 -4.22
C GLN A 68 -21.00 0.98 -3.05
N SER A 69 -21.09 -0.31 -3.34
CA SER A 69 -21.30 -1.31 -2.33
C SER A 69 -20.14 -1.36 -1.33
N TRP A 71 -17.83 0.97 -0.73
CA TRP A 71 -17.67 2.23 0.01
C TRP A 71 -18.75 2.35 1.08
N TRP A 73 -20.11 -0.05 2.61
CA TRP A 73 -19.74 -0.97 3.66
C TRP A 73 -18.59 -0.40 4.52
N ALA A 74 -17.57 0.15 3.86
CA ALA A 74 -16.46 0.72 4.62
C ALA A 74 -16.89 1.90 5.49
N ARG A 75 -17.72 2.78 4.94
CA ARG A 75 -18.15 3.96 5.70
C ARG A 75 -18.98 3.57 6.89
N THR A 76 -19.93 2.64 6.67
CA THR A 76 -20.81 2.22 7.75
C THR A 76 -20.16 1.35 8.83
N ASN A 77 -19.22 0.50 8.44
CA ASN A 77 -18.60 -0.43 9.37
C ASN A 77 -17.22 -0.09 9.91
N LEU A 78 -16.43 0.69 9.18
CA LEU A 78 -15.09 1.02 9.63
C LEU A 78 -14.78 2.50 9.87
N GLN A 79 -15.45 3.40 9.17
CA GLN A 79 -15.09 4.80 9.35
C GLN A 79 -15.42 5.31 10.75
N HIS A 80 -14.48 6.09 11.29
CA HIS A 80 -14.66 6.70 12.60
C HIS A 80 -15.75 7.76 12.53
N THR A 81 -16.16 8.22 13.72
CA THR A 81 -17.18 9.24 13.80
C THR A 81 -16.54 10.60 14.16
N ASN A 82 -15.50 10.59 14.99
CA ASN A 82 -14.86 11.84 15.37
C ASN A 82 -13.73 12.30 14.43
N ASP A 83 -13.30 11.41 13.55
CA ASP A 83 -12.36 11.77 12.49
C ASP A 83 -12.80 10.91 11.31
N LYS A 84 -12.18 11.14 10.16
CA LYS A 84 -12.56 10.44 8.94
C LYS A 84 -11.69 9.23 8.62
N LEU A 85 -10.80 8.86 9.53
CA LEU A 85 -9.95 7.67 9.31
C LEU A 85 -10.78 6.43 9.59
N PHE A 86 -10.19 5.27 9.32
CA PHE A 86 -10.88 4.00 9.47
C PHE A 86 -10.29 3.03 10.47
N SER A 87 -11.16 2.34 11.23
CA SER A 87 -10.68 1.29 12.13
C SER A 87 -10.08 0.26 11.15
N TRP A 88 -8.97 -0.36 11.55
CA TRP A 88 -8.23 -1.23 10.66
C TRP A 88 -8.79 -2.60 10.36
N ARG A 89 -9.57 -3.13 11.30
CA ARG A 89 -10.07 -4.49 11.15
C ARG A 89 -11.51 -4.74 11.60
N PHE A 90 -12.18 -5.63 10.86
CA PHE A 90 -13.56 -6.05 11.13
C PHE A 90 -13.52 -7.56 11.33
N LEU A 91 -14.12 -8.03 12.41
CA LEU A 91 -14.17 -9.46 12.71
C LEU A 91 -15.63 -9.89 12.72
N LYS A 92 -16.04 -10.59 11.67
CA LYS A 92 -17.42 -11.01 11.59
C LYS A 92 -17.74 -12.00 12.70
N GLY A 93 -18.87 -11.80 13.36
CA GLY A 93 -19.26 -12.72 14.42
C GLY A 93 -18.81 -12.32 15.80
N HIS A 94 -17.71 -11.59 15.87
CA HIS A 94 -17.19 -11.16 17.17
C HIS A 94 -18.13 -10.13 17.76
N GLN A 95 -18.35 -10.20 19.07
CA GLN A 95 -19.27 -9.27 19.73
C GLN A 95 -18.99 -7.90 19.16
N PRO A 96 -18.02 -7.15 19.72
CA PRO A 96 -17.92 -5.90 18.98
C PRO A 96 -17.18 -6.40 17.72
N PRO A 97 -17.74 -6.15 16.53
CA PRO A 97 -17.09 -6.61 15.29
C PRO A 97 -15.80 -5.83 15.05
N VAL A 98 -15.77 -4.61 15.56
CA VAL A 98 -14.61 -3.73 15.41
C VAL A 98 -14.16 -3.33 16.81
N PRO A 99 -13.50 -4.25 17.53
CA PRO A 99 -13.02 -4.00 18.89
C PRO A 99 -11.81 -3.07 19.01
N ASP A 100 -11.02 -2.97 17.95
CA ASP A 100 -9.83 -2.12 17.95
C ASP A 100 -10.08 -0.99 16.93
N LYS A 101 -10.17 0.25 17.41
CA LYS A 101 -10.45 1.38 16.53
C LYS A 101 -9.18 1.96 15.89
N ASN A 102 -8.02 1.42 16.22
CA ASN A 102 -6.77 1.93 15.64
C ASN A 102 -6.87 1.85 14.12
N ASN A 103 -6.24 2.81 13.44
CA ASN A 103 -6.26 2.85 11.98
C ASN A 103 -4.95 2.33 11.41
N ALA A 104 -4.97 2.07 10.10
CA ALA A 104 -3.74 1.70 9.35
C ALA A 104 -3.70 2.76 8.27
N THR A 105 -2.66 3.59 8.29
CA THR A 105 -2.59 4.69 7.36
C THR A 105 -2.64 4.33 5.89
N ASP A 106 -2.11 3.16 5.51
CA ASP A 106 -2.21 2.86 4.09
C ASP A 106 -3.67 2.57 3.70
N GLY A 107 -4.43 2.00 4.62
CA GLY A 107 -5.84 1.75 4.36
C GLY A 107 -6.56 3.09 4.18
N ASP A 108 -6.29 4.04 5.05
CA ASP A 108 -6.92 5.36 4.93
C ASP A 108 -6.58 5.99 3.58
N LEU A 109 -5.29 5.91 3.21
CA LEU A 109 -4.85 6.51 1.96
C LEU A 109 -5.34 5.77 0.70
N LEU A 110 -5.53 4.45 0.78
CA LEU A 110 -6.05 3.70 -0.37
C LEU A 110 -7.54 4.03 -0.58
N ILE A 111 -8.28 4.12 0.51
CA ILE A 111 -9.69 4.47 0.39
C ILE A 111 -9.84 5.87 -0.17
N ALA A 112 -9.06 6.82 0.35
CA ALA A 112 -9.11 8.20 -0.17
C ALA A 112 -8.70 8.24 -1.65
N LEU A 113 -7.65 7.49 -2.00
CA LEU A 113 -7.21 7.45 -3.39
C LEU A 113 -8.37 6.97 -4.26
N ALA A 114 -8.99 5.87 -3.86
CA ALA A 114 -10.10 5.28 -4.61
C ALA A 114 -11.25 6.27 -4.78
N LEU A 115 -11.56 6.99 -3.70
CA LEU A 115 -12.65 7.97 -3.78
C LEU A 115 -12.35 9.13 -4.72
N GLY A 116 -11.11 9.63 -4.70
CA GLY A 116 -10.76 10.68 -5.63
C GLY A 116 -10.84 10.15 -7.05
N ARG A 117 -10.38 8.92 -7.28
CA ARG A 117 -10.42 8.35 -8.62
C ARG A 117 -11.87 8.14 -9.08
N ALA A 118 -12.70 7.62 -8.18
CA ALA A 118 -14.11 7.35 -8.48
C ALA A 118 -14.86 8.66 -8.68
N GLY A 119 -14.53 9.66 -7.89
CA GLY A 119 -15.20 10.95 -8.04
C GLY A 119 -15.03 11.53 -9.44
N LYS A 120 -13.82 11.41 -9.97
CA LYS A 120 -13.55 11.94 -11.31
C LYS A 120 -14.15 11.03 -12.39
N ARG A 121 -13.93 9.73 -12.27
CA ARG A 121 -14.43 8.81 -13.29
C ARG A 121 -15.95 8.73 -13.40
N PHE A 122 -16.62 8.78 -12.28
CA PHE A 122 -18.07 8.66 -12.26
C PHE A 122 -18.82 10.00 -12.11
N GLN A 123 -18.07 11.11 -12.09
CA GLN A 123 -18.65 12.46 -11.94
C GLN A 123 -19.51 12.51 -10.69
N ARG A 124 -18.89 12.14 -9.57
CA ARG A 124 -19.55 12.09 -8.28
C ARG A 124 -18.86 13.07 -7.35
N PRO A 125 -19.38 14.30 -7.23
CA PRO A 125 -18.74 15.27 -6.34
C PRO A 125 -18.70 14.89 -4.87
N ASP A 126 -19.64 14.05 -4.42
CA ASP A 126 -19.63 13.63 -3.03
C ASP A 126 -18.38 12.77 -2.78
N TYR A 127 -17.98 11.95 -3.75
CA TYR A 127 -16.75 11.13 -3.56
C TYR A 127 -15.51 12.01 -3.43
N ILE A 128 -15.47 13.10 -4.21
CA ILE A 128 -14.34 14.02 -4.12
C ILE A 128 -14.32 14.61 -2.70
N GLN A 129 -15.49 15.04 -2.21
CA GLN A 129 -15.56 15.58 -0.84
C GLN A 129 -15.12 14.54 0.19
N ASP A 130 -15.54 13.28 -0.01
CA ASP A 130 -15.20 12.19 0.93
C ASP A 130 -13.69 11.99 0.96
N ALA A 131 -13.07 12.08 -0.20
CA ALA A 131 -11.61 11.91 -0.29
C ALA A 131 -10.93 13.08 0.43
N ALA A 133 -12.02 14.87 2.83
CA ALA A 133 -12.26 14.80 4.29
C ALA A 133 -11.28 13.79 4.93
N ILE A 134 -11.06 12.67 4.25
CA ILE A 134 -10.09 11.70 4.78
C ILE A 134 -8.67 12.32 4.72
N TYR A 135 -8.29 12.87 3.57
CA TYR A 135 -6.97 13.48 3.47
C TYR A 135 -6.70 14.52 4.56
N GLY A 136 -7.71 15.33 4.88
CA GLY A 136 -7.51 16.35 5.90
C GLY A 136 -7.10 15.77 7.22
N ASP A 137 -7.71 14.64 7.60
CA ASP A 137 -7.39 13.99 8.84
C ASP A 137 -6.08 13.20 8.75
N VAL A 138 -5.76 12.60 7.59
CA VAL A 138 -4.47 11.92 7.52
C VAL A 138 -3.38 12.96 7.75
N LEU A 139 -3.51 14.11 7.09
CA LEU A 139 -2.48 15.13 7.22
C LEU A 139 -2.38 15.67 8.65
N ASN A 140 -3.51 16.00 9.23
CA ASN A 140 -3.45 16.53 10.59
C ASN A 140 -3.07 15.55 11.66
N LEU A 141 -3.65 14.35 11.58
CA LEU A 141 -3.47 13.35 12.64
C LEU A 141 -2.35 12.36 12.48
N THR A 143 0.73 13.06 10.47
CA THR A 143 2.04 13.53 10.01
C THR A 143 2.60 14.38 11.12
N LYS A 145 6.77 15.41 13.29
CA LYS A 145 8.23 15.51 13.25
C LYS A 145 9.03 14.39 13.87
N ALA A 146 10.11 14.04 13.19
CA ALA A 146 11.02 13.02 13.66
C ALA A 146 12.37 13.43 13.09
N GLY A 147 13.31 13.80 13.97
CA GLY A 147 14.59 14.25 13.46
C GLY A 147 14.33 15.42 12.52
N PRO A 148 14.97 15.45 11.35
CA PRO A 148 14.77 16.56 10.40
C PRO A 148 13.61 16.37 9.42
N TYR A 149 12.83 15.33 9.64
CA TYR A 149 11.75 15.06 8.70
C TYR A 149 10.36 15.26 9.26
N VAL A 150 9.41 15.38 8.35
CA VAL A 150 7.98 15.38 8.72
C VAL A 150 7.61 14.01 8.14
N VAL A 151 7.17 13.11 9.01
CA VAL A 151 6.87 11.75 8.58
C VAL A 151 5.40 11.40 8.66
N LEU A 152 5.04 10.31 7.96
CA LEU A 152 3.68 9.80 7.92
C LEU A 152 3.65 8.60 8.90
N PRO A 154 2.22 5.20 10.82
CA PRO A 154 1.45 4.04 10.34
C PRO A 154 0.07 3.86 10.97
N GLY A 155 -0.14 4.48 12.12
CA GLY A 155 -1.41 4.37 12.83
C GLY A 155 -1.37 5.28 14.04
N ALA A 156 -2.53 5.51 14.65
CA ALA A 156 -2.61 6.41 15.81
C ALA A 156 -1.92 5.87 17.05
N VAL A 157 -2.01 4.56 17.23
CA VAL A 157 -1.46 3.93 18.41
C VAL A 157 -0.40 2.90 18.15
N GLY A 158 0.66 2.97 18.94
CA GLY A 158 1.72 1.97 18.88
C GLY A 158 2.99 2.23 18.12
N PHE A 159 3.10 3.39 17.50
CA PHE A 159 4.29 3.66 16.69
C PHE A 159 5.14 4.83 17.13
N THR A 160 4.83 5.41 18.29
CA THR A 160 5.68 6.49 18.78
C THR A 160 6.21 6.01 20.11
N LYS A 161 7.52 6.01 20.25
CA LYS A 161 8.16 5.58 21.47
C LYS A 161 8.84 6.81 22.05
N LYS A 162 9.45 6.64 23.22
CA LYS A 162 10.11 7.75 23.87
C LYS A 162 11.24 8.32 23.02
N ASP A 163 12.10 7.45 22.51
CA ASP A 163 13.25 7.90 21.74
C ASP A 163 13.12 7.90 20.21
N SER A 164 12.11 7.24 19.67
CA SER A 164 11.99 7.22 18.21
C SER A 164 10.57 6.99 17.74
N VAL A 165 10.38 7.10 16.43
CA VAL A 165 9.06 6.83 15.84
C VAL A 165 9.27 5.72 14.84
N ILE A 166 8.26 4.89 14.71
CA ILE A 166 8.29 3.77 13.78
C ILE A 166 7.45 4.14 12.56
N LEU A 167 8.02 3.91 11.37
CA LEU A 167 7.31 4.19 10.11
C LEU A 167 7.24 2.92 9.28
N ASN A 168 6.27 2.88 8.40
CA ASN A 168 6.17 1.76 7.47
C ASN A 168 6.25 2.47 6.13
N LEU A 169 7.38 2.37 5.43
CA LEU A 169 7.52 3.11 4.18
C LEU A 169 6.51 2.71 3.13
N SER A 170 6.03 1.49 3.18
CA SER A 170 5.04 1.02 2.20
C SER A 170 3.68 1.69 2.40
N TYR A 171 3.51 2.41 3.50
CA TYR A 171 2.25 3.12 3.74
C TYR A 171 2.26 4.46 3.02
N TYR A 172 3.40 4.81 2.41
CA TYR A 172 3.48 6.02 1.60
C TYR A 172 2.88 5.63 0.27
N VAL A 173 1.55 5.64 0.22
CA VAL A 173 0.82 5.29 -0.99
C VAL A 173 0.99 6.52 -1.91
N PRO A 175 0.77 7.68 -5.19
CA PRO A 175 -0.24 8.31 -6.02
C PRO A 175 -1.31 8.99 -5.14
N SER A 176 -1.57 8.43 -3.97
CA SER A 176 -2.58 9.04 -3.09
C SER A 176 -2.05 10.35 -2.50
N LEU A 177 -0.76 10.42 -2.17
CA LEU A 177 -0.22 11.68 -1.63
C LEU A 177 -0.29 12.77 -2.71
N LEU A 178 -0.05 12.39 -3.97
CA LEU A 178 -0.12 13.35 -5.05
C LEU A 178 -1.56 13.82 -5.21
N GLN A 179 -2.50 12.89 -5.17
CA GLN A 179 -3.91 13.26 -5.30
C GLN A 179 -4.35 14.16 -4.14
N ALA A 180 -3.82 13.92 -2.94
CA ALA A 180 -4.19 14.73 -1.78
C ALA A 180 -3.80 16.19 -2.05
N PHE A 181 -2.60 16.39 -2.57
CA PHE A 181 -2.16 17.76 -2.84
C PHE A 181 -3.00 18.36 -3.95
N ASP A 182 -3.30 17.57 -4.98
CA ASP A 182 -4.11 18.08 -6.07
C ASP A 182 -5.52 18.48 -5.63
N LEU A 183 -6.11 17.72 -4.70
CA LEU A 183 -7.48 18.03 -4.27
C LEU A 183 -7.59 19.03 -3.14
N THR A 184 -6.56 19.13 -2.30
CA THR A 184 -6.61 20.03 -1.15
C THR A 184 -5.73 21.26 -1.24
N ALA A 185 -4.70 21.17 -2.09
CA ALA A 185 -3.72 22.23 -2.26
C ALA A 185 -3.00 22.60 -0.94
N ASP A 186 -3.00 21.69 0.03
CA ASP A 186 -2.35 21.99 1.31
C ASP A 186 -0.85 21.85 1.14
N PRO A 187 -0.11 22.93 1.35
CA PRO A 187 1.34 22.94 1.22
C PRO A 187 2.09 21.93 2.09
N ARG A 188 1.46 21.51 3.17
CA ARG A 188 2.07 20.56 4.08
C ARG A 188 2.33 19.23 3.39
N TRP A 189 1.56 18.92 2.35
CA TRP A 189 1.75 17.64 1.65
C TRP A 189 3.08 17.62 0.93
N ARG A 190 3.59 18.79 0.60
CA ARG A 190 4.87 18.85 -0.10
C ARG A 190 6.01 18.28 0.70
N GLN A 191 6.20 18.73 1.94
CA GLN A 191 7.29 18.21 2.70
C GLN A 191 7.05 16.74 3.01
N VAL A 192 5.79 16.33 3.16
CA VAL A 192 5.53 14.92 3.43
C VAL A 192 6.05 14.07 2.29
N GLU A 194 8.29 15.00 -0.12
CA GLU A 194 9.71 15.17 -0.27
C GLU A 194 10.49 14.40 0.79
N ASP A 195 10.00 14.39 2.02
CA ASP A 195 10.71 13.64 3.02
C ASP A 195 10.51 12.12 2.77
N GLY A 196 9.38 11.75 2.17
CA GLY A 196 9.18 10.32 1.86
C GLY A 196 10.27 9.88 0.88
N ILE A 197 10.54 10.72 -0.11
CA ILE A 197 11.60 10.42 -1.08
C ILE A 197 12.95 10.31 -0.34
N ARG A 198 13.23 11.25 0.57
CA ARG A 198 14.46 11.19 1.32
C ARG A 198 14.59 9.92 2.17
N LEU A 199 13.48 9.49 2.76
CA LEU A 199 13.47 8.30 3.62
C LEU A 199 13.69 7.03 2.81
N VAL A 200 13.07 6.95 1.64
CA VAL A 200 13.30 5.76 0.79
C VAL A 200 14.77 5.71 0.36
N SER A 201 15.32 6.86 0.00
CA SER A 201 16.73 6.90 -0.41
C SER A 201 17.68 6.49 0.72
N ALA A 202 17.51 7.08 1.89
CA ALA A 202 18.39 6.81 3.01
C ALA A 202 18.08 5.63 3.94
N GLY A 203 16.81 5.22 3.96
CA GLY A 203 16.39 4.17 4.85
C GLY A 203 16.42 2.77 4.28
N ARG A 204 17.56 2.40 3.71
CA ARG A 204 17.71 1.07 3.10
C ARG A 204 18.92 0.38 3.72
N PHE A 205 18.87 -0.94 3.77
CA PHE A 205 19.90 -1.68 4.48
C PHE A 205 20.33 -2.96 3.82
N GLY A 206 21.44 -3.49 4.33
CA GLY A 206 21.95 -4.75 3.82
C GLY A 206 22.65 -4.67 2.49
N GLN A 207 23.18 -5.80 2.05
CA GLN A 207 23.91 -5.88 0.80
C GLN A 207 23.13 -5.47 -0.45
N TRP A 208 21.80 -5.59 -0.40
CA TRP A 208 20.97 -5.24 -1.54
C TRP A 208 20.38 -3.83 -1.44
N ARG A 209 20.65 -3.15 -0.32
CA ARG A 209 20.17 -1.78 -0.08
C ARG A 209 18.65 -1.70 -0.27
N LEU A 210 17.96 -2.47 0.56
CA LEU A 210 16.50 -2.56 0.50
C LEU A 210 15.85 -1.89 1.71
N PRO A 211 14.65 -1.32 1.49
CA PRO A 211 13.94 -0.68 2.61
C PRO A 211 13.33 -1.79 3.47
N PRO A 212 13.20 -1.55 4.77
CA PRO A 212 12.62 -2.55 5.65
C PRO A 212 11.09 -2.40 5.67
N ASP A 213 10.39 -3.43 6.12
CA ASP A 213 8.95 -3.32 6.29
C ASP A 213 8.72 -2.20 7.35
N TRP A 214 9.57 -2.19 8.39
CA TRP A 214 9.42 -1.23 9.50
C TRP A 214 10.72 -0.50 9.79
N LEU A 215 10.65 0.83 9.73
CA LEU A 215 11.79 1.72 9.92
C LEU A 215 11.70 2.53 11.22
N ALA A 216 12.80 2.62 11.96
CA ALA A 216 12.80 3.41 13.19
C ALA A 216 13.57 4.69 12.89
N VAL A 217 13.05 5.82 13.35
CA VAL A 217 13.69 7.10 13.14
C VAL A 217 13.92 7.68 14.55
N ASN A 218 15.17 7.89 14.93
CA ASN A 218 15.45 8.47 16.25
C ASN A 218 14.86 9.88 16.25
N ARG A 219 14.03 10.21 17.25
CA ARG A 219 13.38 11.52 17.25
C ARG A 219 14.34 12.67 17.43
N ALA A 220 15.38 12.43 18.21
CA ALA A 220 16.39 13.45 18.45
C ALA A 220 17.37 13.55 17.29
N THR A 221 18.02 12.44 16.95
CA THR A 221 19.06 12.43 15.90
C THR A 221 18.59 12.21 14.47
N GLY A 222 17.42 11.59 14.29
CA GLY A 222 16.94 11.34 12.95
C GLY A 222 17.64 10.14 12.34
N ALA A 223 18.49 9.50 13.11
CA ALA A 223 19.22 8.34 12.62
C ALA A 223 18.18 7.29 12.20
N LEU A 224 18.45 6.58 11.11
CA LEU A 224 17.53 5.56 10.61
C LEU A 224 18.04 4.16 10.91
N SER A 225 17.14 3.28 11.32
CA SER A 225 17.53 1.91 11.64
C SER A 225 16.37 1.00 11.35
N ILE A 226 16.61 -0.31 11.36
CA ILE A 226 15.52 -1.26 11.13
C ILE A 226 14.75 -1.38 12.45
N ALA A 227 13.43 -1.18 12.44
CA ALA A 227 12.67 -1.25 13.69
C ALA A 227 12.83 -2.57 14.43
N SER A 228 12.97 -2.49 15.75
CA SER A 228 13.20 -3.71 16.55
C SER A 228 12.01 -4.63 16.86
N GLY A 229 10.78 -4.15 16.73
CA GLY A 229 9.66 -5.02 17.07
C GLY A 229 9.17 -6.07 16.07
N TRP A 230 9.85 -6.20 14.92
CA TRP A 230 9.47 -7.14 13.87
C TRP A 230 10.74 -7.73 13.26
N PRO A 231 10.63 -8.90 12.60
CA PRO A 231 11.86 -9.45 11.99
C PRO A 231 12.43 -8.35 11.09
N PRO A 232 13.77 -8.18 11.06
CA PRO A 232 14.46 -7.16 10.28
C PRO A 232 14.55 -7.49 8.80
N ARG A 233 13.38 -7.45 8.17
CA ARG A 233 13.28 -7.85 6.77
C ARG A 233 12.68 -6.84 5.84
N PHE A 234 12.96 -7.11 4.56
CA PHE A 234 12.30 -6.47 3.43
C PHE A 234 11.31 -7.61 3.10
N SER A 235 10.02 -7.39 3.21
CA SER A 235 9.09 -8.47 2.88
C SER A 235 7.73 -8.01 2.39
N TYR A 236 6.67 -8.58 2.97
CA TYR A 236 5.31 -8.36 2.46
C TYR A 236 4.74 -6.97 2.46
N ASP A 237 5.38 -6.05 3.18
CA ASP A 237 4.96 -4.67 3.14
C ASP A 237 5.92 -3.90 2.25
N ALA A 238 7.22 -4.03 2.53
CA ALA A 238 8.23 -3.26 1.78
C ALA A 238 8.23 -3.47 0.27
N ILE A 239 7.71 -4.60 -0.16
CA ILE A 239 7.64 -4.91 -1.60
C ILE A 239 6.85 -3.80 -2.34
N ARG A 240 5.93 -3.13 -1.62
CA ARG A 240 5.16 -2.08 -2.29
C ARG A 240 5.89 -0.76 -2.48
N VAL A 241 6.97 -0.55 -1.75
CA VAL A 241 7.73 0.70 -1.88
C VAL A 241 8.18 0.99 -3.32
N PRO A 242 8.90 0.06 -3.99
CA PRO A 242 9.32 0.36 -5.35
C PRO A 242 8.13 0.59 -6.28
N LEU A 243 7.04 -0.13 -6.03
CA LEU A 243 5.85 0.03 -6.83
C LEU A 243 5.22 1.42 -6.70
N TYR A 244 4.98 1.86 -5.48
CA TYR A 244 4.33 3.16 -5.32
C TYR A 244 5.17 4.32 -5.84
N PHE A 245 6.49 4.26 -5.63
CA PHE A 245 7.33 5.33 -6.12
C PHE A 245 7.49 5.27 -7.64
N TYR A 246 7.51 4.08 -8.24
CA TYR A 246 7.55 3.97 -9.70
C TYR A 246 6.26 4.60 -10.27
N TRP A 247 5.14 4.22 -9.67
CA TRP A 247 3.82 4.66 -10.11
C TRP A 247 3.70 6.17 -10.09
N ALA A 248 4.26 6.78 -9.06
CA ALA A 248 4.19 8.23 -8.90
C ALA A 248 5.28 9.00 -9.64
N HIS A 249 6.11 8.28 -10.40
CA HIS A 249 7.22 8.88 -11.15
C HIS A 249 8.20 9.53 -10.17
N LEU A 251 10.65 7.45 -8.38
CA LEU A 251 11.64 6.44 -8.01
C LEU A 251 12.98 6.95 -8.56
N ALA A 252 13.86 7.34 -7.64
CA ALA A 252 15.15 7.91 -8.00
C ALA A 252 16.00 6.91 -8.75
N PRO A 253 16.78 7.38 -9.73
CA PRO A 253 17.63 6.47 -10.49
C PRO A 253 18.50 5.54 -9.66
N ASN A 254 19.12 6.08 -8.60
CA ASN A 254 19.99 5.20 -7.82
C ASN A 254 19.20 4.14 -7.08
N VAL A 255 17.97 4.47 -6.69
CA VAL A 255 17.13 3.50 -6.00
C VAL A 255 16.62 2.46 -6.99
N LEU A 256 16.16 2.90 -8.16
CA LEU A 256 15.72 1.95 -9.18
C LEU A 256 16.92 1.01 -9.51
N ALA A 257 18.11 1.58 -9.63
CA ALA A 257 19.28 0.75 -9.98
C ALA A 257 19.48 -0.36 -8.96
N ASP A 258 19.35 -0.03 -7.68
CA ASP A 258 19.53 -1.03 -6.64
C ASP A 258 18.43 -2.10 -6.71
N PHE A 259 17.17 -1.68 -6.92
CA PHE A 259 16.11 -2.69 -7.02
C PHE A 259 16.34 -3.57 -8.24
N THR A 260 16.84 -2.98 -9.32
CA THR A 260 17.06 -3.75 -10.54
C THR A 260 18.11 -4.83 -10.27
N ARG A 261 19.21 -4.46 -9.59
CA ARG A 261 20.24 -5.47 -9.28
C ARG A 261 19.70 -6.57 -8.42
N PHE A 262 18.85 -6.20 -7.48
CA PHE A 262 18.27 -7.17 -6.59
C PHE A 262 17.38 -8.16 -7.36
N TRP A 263 16.47 -7.67 -8.20
CA TRP A 263 15.58 -8.59 -8.87
C TRP A 263 16.37 -9.52 -9.76
N ASN A 264 17.32 -8.94 -10.48
CA ASN A 264 18.09 -9.77 -11.39
C ASN A 264 19.06 -10.74 -10.75
N ASN A 265 19.36 -10.56 -9.47
CA ASN A 265 20.23 -11.50 -8.79
C ASN A 265 19.49 -12.84 -8.70
N PHE A 266 18.18 -12.77 -8.58
CA PHE A 266 17.34 -13.96 -8.45
C PHE A 266 16.68 -14.49 -9.72
N GLY A 267 16.14 -13.58 -10.54
CA GLY A 267 15.44 -13.97 -11.74
C GLY A 267 13.99 -14.28 -11.42
N ALA A 268 13.15 -14.34 -12.45
CA ALA A 268 11.72 -14.58 -12.28
C ALA A 268 11.24 -15.83 -11.57
N ASN A 269 12.06 -16.89 -11.53
CA ASN A 269 11.62 -18.10 -10.88
C ASN A 269 12.19 -18.30 -9.49
N ALA A 270 12.82 -17.26 -8.93
CA ALA A 270 13.45 -17.44 -7.62
C ALA A 270 13.38 -16.20 -6.74
N LEU A 271 12.40 -15.33 -6.98
CA LEU A 271 12.34 -14.15 -6.12
C LEU A 271 12.02 -14.55 -4.69
N PRO A 272 12.67 -13.89 -3.71
CA PRO A 272 12.40 -14.25 -2.30
C PRO A 272 11.16 -13.54 -1.71
N GLY A 273 10.44 -14.24 -0.83
CA GLY A 273 9.29 -13.65 -0.15
C GLY A 273 9.81 -12.67 0.89
N TRP A 274 11.00 -12.93 1.44
CA TRP A 274 11.60 -11.98 2.36
C TRP A 274 13.12 -12.11 2.32
N VAL A 275 13.80 -11.05 2.74
CA VAL A 275 15.26 -11.06 2.82
C VAL A 275 15.57 -10.40 4.17
N ASP A 276 16.42 -11.04 4.97
CA ASP A 276 16.81 -10.47 6.26
C ASP A 276 17.87 -9.40 5.95
N LEU A 277 17.62 -8.18 6.41
CA LEU A 277 18.50 -7.08 6.08
C LEU A 277 19.75 -6.97 6.94
N THR A 278 19.85 -7.84 7.94
CA THR A 278 21.05 -7.86 8.79
C THR A 278 21.98 -9.01 8.40
N THR A 279 21.44 -10.07 7.82
CA THR A 279 22.28 -11.24 7.46
C THR A 279 22.36 -11.60 5.99
N GLY A 280 21.38 -11.14 5.21
CA GLY A 280 21.36 -11.48 3.80
C GLY A 280 20.59 -12.77 3.53
N ALA A 281 20.13 -13.46 4.59
CA ALA A 281 19.40 -14.72 4.45
C ALA A 281 18.09 -14.46 3.74
N ARG A 282 17.59 -15.48 3.05
CA ARG A 282 16.31 -15.32 2.34
C ARG A 282 15.31 -16.35 2.81
N SER A 283 14.06 -16.15 2.42
CA SER A 283 12.99 -17.06 2.77
C SER A 283 13.24 -18.41 2.12
N PRO A 284 12.90 -19.50 2.82
CA PRO A 284 13.08 -20.85 2.27
C PRO A 284 11.92 -21.21 1.32
N TYR A 285 11.39 -20.20 0.64
CA TYR A 285 10.35 -20.37 -0.35
C TYR A 285 10.42 -19.18 -1.29
N ASN A 286 9.76 -19.28 -2.44
CA ASN A 286 9.75 -18.18 -3.40
C ASN A 286 8.57 -17.26 -3.13
N ALA A 287 8.73 -16.02 -3.54
CA ALA A 287 7.69 -15.01 -3.33
C ALA A 287 6.44 -15.32 -4.12
N PRO A 288 5.29 -14.77 -3.70
CA PRO A 288 4.09 -15.03 -4.47
C PRO A 288 4.21 -14.24 -5.79
N PRO A 289 3.39 -14.60 -6.79
CA PRO A 289 3.43 -13.93 -8.08
C PRO A 289 3.31 -12.42 -8.01
N GLY A 290 2.60 -11.92 -7.00
CA GLY A 290 2.52 -10.46 -6.92
C GLY A 290 3.88 -9.78 -6.85
N TYR A 291 4.88 -10.44 -6.24
CA TYR A 291 6.20 -9.82 -6.18
C TYR A 291 6.80 -9.79 -7.57
N LEU A 292 6.52 -10.83 -8.38
CA LEU A 292 7.02 -10.85 -9.75
C LEU A 292 6.43 -9.70 -10.54
N ALA A 293 5.14 -9.41 -10.32
CA ALA A 293 4.52 -8.29 -11.02
C ALA A 293 5.24 -7.00 -10.65
N VAL A 294 5.51 -6.81 -9.36
CA VAL A 294 6.23 -5.60 -8.94
C VAL A 294 7.61 -5.53 -9.58
N ALA A 295 8.34 -6.65 -9.55
CA ALA A 295 9.67 -6.68 -10.13
C ALA A 295 9.68 -6.36 -11.61
N GLU A 296 8.67 -6.86 -12.33
CA GLU A 296 8.60 -6.60 -13.76
C GLU A 296 8.45 -5.11 -14.08
N CYS A 297 7.85 -4.35 -13.17
CA CYS A 297 7.68 -2.92 -13.42
C CYS A 297 8.84 -2.09 -12.91
N THR A 298 9.70 -2.72 -12.12
CA THR A 298 10.81 -2.00 -11.51
C THR A 298 12.22 -2.54 -11.71
N GLY A 299 12.50 -3.01 -12.91
CA GLY A 299 13.86 -3.45 -13.19
C GLY A 299 14.11 -4.88 -13.60
N LEU A 300 13.21 -5.81 -13.29
CA LEU A 300 13.48 -7.18 -13.67
C LEU A 300 13.53 -7.37 -15.16
N ASP A 301 14.53 -8.11 -15.62
CA ASP A 301 14.65 -8.38 -17.05
C ASP A 301 13.47 -9.32 -17.38
N SER A 302 12.52 -8.83 -18.16
CA SER A 302 11.37 -9.63 -18.55
C SER A 302 10.65 -9.04 -19.75
N ALA A 303 9.68 -9.78 -20.27
CA ALA A 303 8.89 -9.34 -21.41
C ALA A 303 7.87 -8.29 -20.95
N GLY A 304 7.35 -8.48 -19.75
CA GLY A 304 6.37 -7.55 -19.21
C GLY A 304 5.02 -8.25 -19.10
N GLU A 305 4.95 -9.50 -19.55
CA GLU A 305 3.72 -10.29 -19.49
C GLU A 305 3.37 -10.56 -18.04
N LEU A 306 2.58 -9.67 -17.43
CA LEU A 306 2.26 -9.82 -16.02
C LEU A 306 1.51 -11.06 -15.62
N PRO A 307 1.68 -11.49 -14.35
CA PRO A 307 0.96 -12.67 -13.87
C PRO A 307 -0.54 -12.27 -13.92
N THR A 308 -1.42 -13.25 -13.98
CA THR A 308 -2.87 -12.98 -13.98
C THR A 308 -3.51 -13.59 -12.74
N LEU A 309 -4.65 -13.05 -12.33
CA LEU A 309 -5.29 -13.46 -11.10
C LEU A 309 -5.91 -14.86 -11.08
N ASP A 310 -6.16 -15.43 -12.26
CA ASP A 310 -6.71 -16.76 -12.28
C ASP A 310 -5.67 -17.78 -11.77
N HIS A 311 -4.42 -17.33 -11.66
CA HIS A 311 -3.33 -18.16 -11.15
C HIS A 311 -2.85 -17.74 -9.76
N ALA A 312 -3.53 -16.75 -9.17
CA ALA A 312 -3.15 -16.25 -7.86
C ALA A 312 -3.35 -17.32 -6.78
N PRO A 313 -2.31 -17.56 -5.97
CA PRO A 313 -2.42 -18.58 -4.92
C PRO A 313 -3.26 -18.17 -3.74
N ASP A 314 -3.38 -16.86 -3.52
CA ASP A 314 -4.16 -16.36 -2.41
C ASP A 314 -4.50 -14.90 -2.60
N TYR A 315 -5.28 -14.38 -1.65
CA TYR A 315 -5.70 -12.99 -1.68
C TYR A 315 -4.51 -12.03 -1.75
N TYR A 316 -3.53 -12.23 -0.88
CA TYR A 316 -2.38 -11.33 -0.86
C TYR A 316 -1.77 -11.15 -2.24
N SER A 317 -1.51 -12.26 -2.92
CA SER A 317 -0.88 -12.18 -4.24
C SER A 317 -1.82 -11.54 -5.26
N ALA A 318 -3.10 -11.89 -5.19
CA ALA A 318 -4.06 -11.32 -6.14
C ALA A 318 -4.14 -9.81 -6.02
N ALA A 319 -4.27 -9.32 -4.79
CA ALA A 319 -4.38 -7.88 -4.60
C ALA A 319 -3.12 -7.15 -5.04
N LEU A 320 -1.95 -7.68 -4.68
CA LEU A 320 -0.72 -7.02 -5.09
C LEU A 320 -0.57 -7.03 -6.60
N THR A 321 -0.96 -8.14 -7.23
CA THR A 321 -0.86 -8.20 -8.67
C THR A 321 -1.78 -7.18 -9.35
N LEU A 322 -3.03 -7.09 -8.89
CA LEU A 322 -3.95 -6.13 -9.49
C LEU A 322 -3.48 -4.69 -9.24
N LEU A 323 -2.83 -4.46 -8.10
CA LEU A 323 -2.32 -3.12 -7.81
C LEU A 323 -1.28 -2.75 -8.88
N VAL A 324 -0.46 -3.72 -9.31
CA VAL A 324 0.51 -3.46 -10.34
C VAL A 324 -0.18 -3.14 -11.68
N TYR A 325 -1.26 -3.86 -12.00
CA TYR A 325 -1.98 -3.55 -13.23
C TYR A 325 -2.47 -2.09 -13.21
N ILE A 326 -2.90 -1.63 -12.03
CA ILE A 326 -3.39 -0.23 -11.93
C ILE A 326 -2.22 0.72 -12.14
N ALA A 327 -1.09 0.44 -11.49
CA ALA A 327 0.08 1.29 -11.60
C ALA A 327 0.54 1.39 -13.03
N ARG A 328 0.58 0.25 -13.71
CA ARG A 328 1.02 0.24 -15.09
C ARG A 328 0.06 1.03 -15.96
N ALA A 329 -1.24 0.86 -15.76
CA ALA A 329 -2.24 1.56 -16.56
C ALA A 329 -2.12 3.07 -16.38
N GLU A 330 -1.84 3.51 -15.15
CA GLU A 330 -1.71 4.94 -14.89
C GLU A 330 -0.34 5.55 -15.18
N GLU A 331 0.72 4.86 -14.76
CA GLU A 331 2.09 5.38 -14.94
C GLU A 331 2.49 5.60 -16.38
N THR A 332 2.03 4.72 -17.25
CA THR A 332 2.37 4.80 -18.67
C THR A 332 1.69 5.93 -19.41
N ILE A 333 0.88 6.70 -18.69
CA ILE A 333 0.15 7.84 -19.24
C ILE A 333 -0.88 7.42 -20.30
#